data_8EQT
#
_entry.id   8EQT
#
_cell.length_a   1.00
_cell.length_b   1.00
_cell.length_c   1.00
_cell.angle_alpha   90.00
_cell.angle_beta   90.00
_cell.angle_gamma   90.00
#
_symmetry.space_group_name_H-M   'P 1'
#
loop_
_entity.id
_entity.type
_entity.pdbx_description
1 polymer 'ORF3a protein'
2 non-polymer 1,2-dioleoyl-sn-glycero-3-phosphoethanolamine
#
_entity_poly.entity_id   1
_entity_poly.type   'polypeptide(L)'
_entity_poly.pdbx_seq_one_letter_code
;MDLFMRIFTIGTVTLKQGEIKDATPSDFVRATATIPIQASLPFGWLIVGVALLAVFQSASKIITLKKRWQLALSKGVHFV
CNLLLLFVTVYSHLLLVAAGLEAPFLYLYALVYFLQSINFVRIIMRLWLCWKCRSKNPLLYDANYFLCWHTNCYDYCIPY
NSVTSSIVITSGDGTTSPISEHDYQIGGYTEKWESGVKDCVVLHSYFTSDYYQLYSTQLSTDTGVEHVTFFIYNKIVDEP
EEHVQIHTIDGSSGVVNPVMEPIYDEPTTTTSVPLGGRGLEVLFQGPGSGQLVGSGGLEGGGGWSHPQFEKGGGSGGGSG
GGSWSHPQFEK
;
_entity_poly.pdbx_strand_id   A,B
#
# COMPACT_ATOMS: atom_id res chain seq x y z
N SER A 40 14.44 -37.25 -15.48
CA SER A 40 15.29 -36.45 -14.60
C SER A 40 15.01 -34.96 -14.77
N LEU A 41 15.13 -34.21 -13.68
CA LEU A 41 14.87 -32.78 -13.69
C LEU A 41 16.19 -32.02 -13.60
N PRO A 42 16.60 -31.33 -14.65
CA PRO A 42 17.85 -30.57 -14.57
C PRO A 42 17.75 -29.42 -13.58
N PHE A 43 18.88 -29.10 -12.94
CA PHE A 43 18.90 -28.06 -11.93
C PHE A 43 18.83 -26.66 -12.52
N GLY A 44 19.22 -26.51 -13.80
CA GLY A 44 19.27 -25.20 -14.42
C GLY A 44 17.94 -24.50 -14.51
N TRP A 45 16.84 -25.26 -14.59
CA TRP A 45 15.52 -24.65 -14.60
C TRP A 45 15.25 -23.93 -13.29
N LEU A 46 15.67 -24.53 -12.16
CA LEU A 46 15.52 -23.84 -10.88
C LEU A 46 16.30 -22.53 -10.86
N ILE A 47 17.52 -22.55 -11.40
CA ILE A 47 18.34 -21.34 -11.38
C ILE A 47 17.72 -20.25 -12.24
N VAL A 48 17.26 -20.60 -13.45
CA VAL A 48 16.67 -19.59 -14.30
C VAL A 48 15.36 -19.09 -13.70
N GLY A 49 14.60 -19.97 -13.05
CA GLY A 49 13.36 -19.54 -12.42
C GLY A 49 13.60 -18.58 -11.27
N VAL A 50 14.60 -18.87 -10.43
CA VAL A 50 14.89 -17.97 -9.33
C VAL A 50 15.46 -16.66 -9.84
N ALA A 51 16.22 -16.70 -10.94
CA ALA A 51 16.71 -15.46 -11.54
C ALA A 51 15.55 -14.59 -12.03
N LEU A 52 14.60 -15.21 -12.73
CA LEU A 52 13.43 -14.46 -13.19
C LEU A 52 12.61 -13.93 -12.02
N LEU A 53 12.48 -14.72 -10.96
CA LEU A 53 11.76 -14.28 -9.78
C LEU A 53 12.43 -13.06 -9.15
N ALA A 54 13.75 -13.10 -9.05
CA ALA A 54 14.48 -11.95 -8.52
C ALA A 54 14.29 -10.73 -9.40
N VAL A 55 14.34 -10.92 -10.71
CA VAL A 55 14.14 -9.80 -11.64
C VAL A 55 12.78 -9.16 -11.41
N PHE A 56 11.73 -9.98 -11.37
CA PHE A 56 10.39 -9.43 -11.27
C PHE A 56 10.13 -8.82 -9.90
N GLN A 57 10.64 -9.44 -8.84
CA GLN A 57 10.49 -8.86 -7.51
C GLN A 57 11.17 -7.50 -7.42
N SER A 58 12.40 -7.41 -7.92
CA SER A 58 13.12 -6.15 -7.87
C SER A 58 12.44 -5.08 -8.73
N ALA A 59 11.94 -5.48 -9.90
CA ALA A 59 11.21 -4.53 -10.73
C ALA A 59 9.94 -4.04 -10.06
N SER A 60 9.22 -4.95 -9.40
CA SER A 60 7.97 -4.58 -8.75
C SER A 60 8.21 -3.67 -7.55
N LYS A 61 9.31 -3.86 -6.84
CA LYS A 61 9.56 -3.08 -5.63
C LYS A 61 9.91 -1.63 -5.90
N ILE A 62 10.12 -1.24 -7.16
CA ILE A 62 10.57 0.11 -7.46
C ILE A 62 9.63 0.81 -8.44
N ILE A 63 8.35 0.48 -8.39
CA ILE A 63 7.35 1.09 -9.26
C ILE A 63 6.55 2.09 -8.45
N THR A 64 6.50 3.33 -8.93
CA THR A 64 5.72 4.36 -8.25
C THR A 64 4.24 4.11 -8.43
N LEU A 65 3.48 4.19 -7.34
CA LEU A 65 2.03 4.02 -7.38
C LEU A 65 1.35 5.38 -7.35
N LYS A 66 1.41 6.06 -8.50
CA LYS A 66 0.82 7.39 -8.64
C LYS A 66 -0.32 7.41 -9.64
N LYS A 67 -0.11 6.93 -10.86
CA LYS A 67 -1.14 6.91 -11.89
C LYS A 67 -1.78 5.53 -11.95
N ARG A 68 -2.98 5.47 -12.54
CA ARG A 68 -3.74 4.23 -12.56
C ARG A 68 -3.00 3.14 -13.32
N TRP A 69 -2.46 3.49 -14.50
CA TRP A 69 -1.74 2.49 -15.28
C TRP A 69 -0.51 1.98 -14.54
N GLN A 70 0.12 2.83 -13.74
CA GLN A 70 1.21 2.35 -12.90
C GLN A 70 0.71 1.35 -11.87
N LEU A 71 -0.48 1.60 -11.32
CA LEU A 71 -1.02 0.70 -10.30
C LEU A 71 -1.27 -0.69 -10.88
N ALA A 72 -1.92 -0.76 -12.04
CA ALA A 72 -2.25 -2.06 -12.62
C ALA A 72 -0.99 -2.82 -12.99
N LEU A 73 -0.09 -2.19 -13.75
CA LEU A 73 1.10 -2.89 -14.25
C LEU A 73 1.89 -3.49 -13.09
N SER A 74 2.21 -2.67 -12.09
CA SER A 74 2.91 -3.18 -10.91
C SER A 74 2.17 -4.37 -10.33
N LYS A 75 0.86 -4.22 -10.12
CA LYS A 75 0.07 -5.33 -9.61
C LYS A 75 0.24 -6.56 -10.48
N GLY A 76 0.11 -6.40 -11.79
CA GLY A 76 0.29 -7.54 -12.68
C GLY A 76 1.65 -8.18 -12.49
N VAL A 77 2.69 -7.36 -12.37
CA VAL A 77 4.03 -7.89 -12.15
C VAL A 77 4.04 -8.80 -10.94
N HIS A 78 3.47 -8.31 -9.83
CA HIS A 78 3.39 -9.13 -8.62
C HIS A 78 2.74 -10.48 -8.93
N PHE A 79 1.61 -10.44 -9.64
CA PHE A 79 0.95 -11.68 -10.02
C PHE A 79 1.92 -12.61 -10.71
N VAL A 80 2.60 -12.11 -11.74
CA VAL A 80 3.56 -12.94 -12.44
C VAL A 80 4.63 -13.43 -11.48
N CYS A 81 5.16 -12.53 -10.65
CA CYS A 81 6.15 -12.95 -9.67
C CYS A 81 5.61 -14.06 -8.79
N ASN A 82 4.36 -13.93 -8.35
CA ASN A 82 3.76 -14.96 -7.52
C ASN A 82 3.83 -16.31 -8.22
N LEU A 83 3.46 -16.33 -9.51
CA LEU A 83 3.54 -17.57 -10.27
C LEU A 83 4.95 -18.13 -10.22
N LEU A 84 5.95 -17.29 -10.49
CA LEU A 84 7.32 -17.74 -10.46
C LEU A 84 7.66 -18.33 -9.09
N LEU A 85 7.17 -17.70 -8.03
CA LEU A 85 7.40 -18.23 -6.69
C LEU A 85 6.94 -19.67 -6.62
N LEU A 86 5.70 -19.93 -7.05
CA LEU A 86 5.21 -21.30 -7.07
C LEU A 86 6.18 -22.20 -7.80
N PHE A 87 6.62 -21.77 -8.99
CA PHE A 87 7.63 -22.50 -9.73
C PHE A 87 8.82 -22.80 -8.83
N VAL A 88 9.48 -21.75 -8.34
CA VAL A 88 10.72 -21.95 -7.58
C VAL A 88 10.46 -22.69 -6.29
N THR A 89 9.19 -22.85 -5.89
CA THR A 89 8.88 -23.78 -4.82
C THR A 89 8.65 -25.17 -5.39
N VAL A 90 7.68 -25.30 -6.29
CA VAL A 90 7.20 -26.63 -6.69
C VAL A 90 8.34 -27.42 -7.33
N TYR A 91 9.02 -26.81 -8.31
CA TYR A 91 10.15 -27.48 -8.93
C TYR A 91 11.17 -27.91 -7.89
N SER A 92 11.48 -27.01 -6.94
CA SER A 92 12.42 -27.36 -5.89
C SER A 92 11.93 -28.57 -5.12
N HIS A 93 10.64 -28.60 -4.79
CA HIS A 93 10.08 -29.76 -4.11
C HIS A 93 10.29 -31.01 -4.96
N LEU A 94 10.02 -30.92 -6.26
CA LEU A 94 10.24 -32.05 -7.14
C LEU A 94 11.69 -32.50 -7.10
N LEU A 95 12.61 -31.55 -6.98
CA LEU A 95 14.03 -31.91 -6.87
C LEU A 95 14.26 -32.78 -5.65
N LEU A 96 13.67 -32.41 -4.52
CA LEU A 96 13.77 -33.26 -3.34
C LEU A 96 13.14 -34.62 -3.58
N VAL A 97 12.08 -34.68 -4.39
CA VAL A 97 11.54 -35.96 -4.83
C VAL A 97 12.59 -36.80 -5.54
N ALA A 98 13.38 -36.18 -6.42
CA ALA A 98 14.51 -36.88 -6.99
C ALA A 98 15.55 -37.20 -5.92
N ALA A 99 15.74 -36.28 -4.96
CA ALA A 99 16.73 -36.49 -3.92
C ALA A 99 16.26 -37.52 -2.90
N GLY A 100 14.99 -37.50 -2.53
CA GLY A 100 14.50 -38.36 -1.49
C GLY A 100 14.72 -37.85 -0.09
N LEU A 101 14.94 -36.55 0.08
CA LEU A 101 15.20 -35.97 1.39
C LEU A 101 14.07 -35.02 1.78
N GLU A 102 12.83 -35.44 1.54
CA GLU A 102 11.68 -34.60 1.84
C GLU A 102 11.34 -34.56 3.33
N ALA A 103 11.93 -35.44 4.12
CA ALA A 103 11.58 -35.52 5.54
C ALA A 103 11.81 -34.21 6.29
N PRO A 104 12.95 -33.52 6.15
CA PRO A 104 13.13 -32.25 6.87
C PRO A 104 12.49 -31.06 6.18
N PHE A 105 11.84 -31.22 5.03
CA PHE A 105 11.23 -30.11 4.33
C PHE A 105 9.77 -30.33 3.97
N LEU A 106 9.18 -31.48 4.30
CA LEU A 106 7.78 -31.70 3.97
C LEU A 106 6.88 -30.73 4.73
N TYR A 107 7.18 -30.50 6.01
CA TYR A 107 6.39 -29.54 6.78
C TYR A 107 6.55 -28.12 6.23
N LEU A 108 7.77 -27.76 5.84
CA LEU A 108 8.00 -26.43 5.30
C LEU A 108 7.23 -26.22 4.00
N TYR A 109 7.26 -27.22 3.11
CA TYR A 109 6.54 -27.10 1.86
C TYR A 109 5.04 -27.12 2.07
N ALA A 110 4.56 -27.89 3.06
CA ALA A 110 3.14 -27.85 3.39
C ALA A 110 2.73 -26.47 3.88
N LEU A 111 3.57 -25.84 4.70
CA LEU A 111 3.30 -24.48 5.15
C LEU A 111 3.28 -23.51 3.98
N VAL A 112 4.23 -23.67 3.04
CA VAL A 112 4.26 -22.79 1.87
C VAL A 112 2.97 -22.94 1.07
N TYR A 113 2.54 -24.18 0.83
CA TYR A 113 1.32 -24.40 0.06
C TYR A 113 0.10 -23.88 0.80
N PHE A 114 0.08 -24.01 2.13
CA PHE A 114 -1.03 -23.48 2.92
C PHE A 114 -1.11 -21.96 2.81
N LEU A 115 0.04 -21.29 2.90
CA LEU A 115 0.06 -19.84 2.77
C LEU A 115 -0.34 -19.41 1.36
N GLN A 116 0.09 -20.17 0.34
CA GLN A 116 -0.30 -19.85 -1.02
C GLN A 116 -1.79 -20.04 -1.22
N SER A 117 -2.38 -21.06 -0.60
CA SER A 117 -3.82 -21.24 -0.65
C SER A 117 -4.53 -20.08 0.02
N ILE A 118 -4.00 -19.61 1.15
CA ILE A 118 -4.57 -18.44 1.82
C ILE A 118 -4.50 -17.23 0.90
N ASN A 119 -3.38 -17.05 0.20
CA ASN A 119 -3.25 -15.94 -0.74
C ASN A 119 -4.26 -16.06 -1.88
N PHE A 120 -4.47 -17.28 -2.38
CA PHE A 120 -5.46 -17.49 -3.43
C PHE A 120 -6.87 -17.17 -2.93
N VAL A 121 -7.19 -17.56 -1.70
CA VAL A 121 -8.48 -17.21 -1.11
C VAL A 121 -8.61 -15.70 -0.97
N ARG A 122 -7.51 -15.03 -0.62
CA ARG A 122 -7.52 -13.57 -0.53
C ARG A 122 -7.81 -12.95 -1.89
N ILE A 123 -7.20 -13.48 -2.94
CA ILE A 123 -7.47 -12.97 -4.29
C ILE A 123 -8.93 -13.18 -4.66
N ILE A 124 -9.48 -14.34 -4.28
CA ILE A 124 -10.90 -14.61 -4.54
C ILE A 124 -11.77 -13.61 -3.79
N MET A 125 -11.40 -13.28 -2.55
CA MET A 125 -12.14 -12.29 -1.80
C MET A 125 -12.04 -10.92 -2.46
N ARG A 126 -10.88 -10.58 -2.99
CA ARG A 126 -10.72 -9.32 -3.71
C ARG A 126 -11.65 -9.27 -4.92
N LEU A 127 -11.71 -10.36 -5.67
CA LEU A 127 -12.61 -10.41 -6.82
C LEU A 127 -14.08 -10.31 -6.39
N TRP A 128 -14.42 -10.95 -5.27
CA TRP A 128 -15.77 -10.84 -4.75
C TRP A 128 -16.10 -9.40 -4.38
N LEU A 129 -15.14 -8.70 -3.77
CA LEU A 129 -15.34 -7.29 -3.46
C LEU A 129 -15.50 -6.46 -4.73
N CYS A 130 -14.71 -6.77 -5.76
CA CYS A 130 -14.85 -6.08 -7.04
C CYS A 130 -16.25 -6.26 -7.60
N TRP A 131 -16.76 -7.50 -7.56
CA TRP A 131 -18.12 -7.74 -8.04
C TRP A 131 -19.14 -7.01 -7.17
N LYS A 132 -18.89 -6.93 -5.87
CA LYS A 132 -19.82 -6.25 -4.96
C LYS A 132 -19.93 -4.77 -5.30
N CYS A 133 -18.79 -4.08 -5.38
CA CYS A 133 -18.83 -2.64 -5.68
C CYS A 133 -18.91 -2.36 -7.17
N ARG A 134 -18.71 -3.37 -8.02
CA ARG A 134 -18.78 -3.23 -9.47
C ARG A 134 -17.76 -2.20 -9.97
N SER A 135 -16.49 -2.49 -9.69
CA SER A 135 -15.39 -1.66 -10.16
C SER A 135 -14.11 -2.48 -10.08
N LYS A 136 -13.11 -2.07 -10.85
CA LYS A 136 -11.81 -2.72 -10.87
C LYS A 136 -10.81 -2.04 -9.94
N ASN A 137 -11.22 -0.99 -9.24
CA ASN A 137 -10.30 -0.31 -8.33
C ASN A 137 -9.80 -1.21 -7.20
N PRO A 138 -10.61 -2.02 -6.52
CA PRO A 138 -10.07 -2.84 -5.42
C PRO A 138 -8.99 -3.81 -5.86
N LEU A 139 -8.97 -4.23 -7.11
CA LEU A 139 -7.83 -5.00 -7.60
C LEU A 139 -6.55 -4.18 -7.60
N LEU A 140 -6.65 -2.92 -8.00
CA LEU A 140 -5.46 -2.08 -8.13
C LEU A 140 -4.92 -1.63 -6.78
N TYR A 141 -5.78 -1.25 -5.86
CA TYR A 141 -5.38 -0.70 -4.57
C TYR A 141 -5.38 -1.78 -3.50
N ASP A 142 -4.61 -1.53 -2.44
CA ASP A 142 -4.49 -2.47 -1.33
C ASP A 142 -5.20 -1.95 -0.08
N ALA A 143 -6.10 -1.00 -0.22
CA ALA A 143 -6.76 -0.43 0.94
C ALA A 143 -7.68 -1.46 1.60
N ASN A 144 -7.79 -1.34 2.92
CA ASN A 144 -8.64 -2.27 3.67
C ASN A 144 -10.11 -2.09 3.33
N TYR A 145 -10.55 -0.84 3.18
CA TYR A 145 -11.96 -0.56 2.94
C TYR A 145 -12.11 0.27 1.67
N PHE A 146 -13.33 0.27 1.13
CA PHE A 146 -13.61 1.02 -0.09
C PHE A 146 -14.94 1.75 0.05
N LEU A 147 -14.91 3.06 -0.12
CA LEU A 147 -16.14 3.85 -0.16
C LEU A 147 -16.75 3.71 -1.54
N CYS A 148 -17.97 3.21 -1.61
CA CYS A 148 -18.62 2.83 -2.86
C CYS A 148 -20.00 3.45 -2.91
N TRP A 149 -20.40 3.91 -4.10
CA TRP A 149 -21.77 4.31 -4.32
C TRP A 149 -22.09 4.29 -5.80
N HIS A 150 -23.27 3.79 -6.14
CA HIS A 150 -23.67 3.53 -7.51
C HIS A 150 -24.55 4.68 -8.02
N THR A 151 -24.36 5.04 -9.28
CA THR A 151 -25.19 6.02 -9.96
C THR A 151 -25.79 5.38 -11.22
N ASN A 152 -26.53 6.19 -11.98
CA ASN A 152 -27.15 5.70 -13.19
C ASN A 152 -26.12 5.28 -14.23
N CYS A 153 -25.02 6.04 -14.36
CA CYS A 153 -24.04 5.79 -15.40
C CYS A 153 -22.71 5.26 -14.88
N TYR A 154 -22.40 5.44 -13.60
CA TYR A 154 -21.11 5.01 -13.09
C TYR A 154 -21.26 4.62 -11.62
N ASP A 155 -20.31 3.81 -11.16
CA ASP A 155 -20.25 3.38 -9.76
C ASP A 155 -18.90 3.82 -9.20
N TYR A 156 -18.92 4.80 -8.30
CA TYR A 156 -17.70 5.34 -7.74
C TYR A 156 -17.19 4.42 -6.65
N CYS A 157 -15.89 4.11 -6.71
CA CYS A 157 -15.19 3.33 -5.69
C CYS A 157 -13.89 4.05 -5.35
N ILE A 158 -13.67 4.28 -4.05
CA ILE A 158 -12.52 5.04 -3.58
C ILE A 158 -11.85 4.30 -2.44
N PRO A 159 -10.53 4.16 -2.43
CA PRO A 159 -9.87 3.48 -1.31
C PRO A 159 -10.03 4.24 -0.01
N TYR A 160 -9.97 3.51 1.11
CA TYR A 160 -10.07 4.11 2.43
C TYR A 160 -9.44 3.15 3.42
N ASN A 161 -8.71 3.71 4.39
CA ASN A 161 -7.85 2.90 5.25
C ASN A 161 -8.65 2.17 6.33
N SER A 162 -9.38 2.91 7.16
CA SER A 162 -10.06 2.32 8.29
C SER A 162 -11.42 2.99 8.49
N VAL A 163 -12.31 2.29 9.20
CA VAL A 163 -13.65 2.82 9.45
C VAL A 163 -13.55 4.01 10.38
N THR A 164 -14.20 5.10 10.02
CA THR A 164 -14.23 6.31 10.82
C THR A 164 -15.68 6.73 11.04
N SER A 165 -15.90 7.51 12.10
CA SER A 165 -17.24 8.00 12.39
C SER A 165 -17.74 8.91 11.28
N SER A 166 -16.87 9.74 10.72
CA SER A 166 -17.24 10.69 9.68
C SER A 166 -16.34 10.50 8.47
N ILE A 167 -16.87 10.83 7.29
CA ILE A 167 -16.14 10.75 6.04
C ILE A 167 -16.32 12.06 5.29
N VAL A 168 -15.23 12.60 4.76
CA VAL A 168 -15.25 13.87 4.03
C VAL A 168 -14.91 13.59 2.58
N ILE A 169 -15.74 14.08 1.68
CA ILE A 169 -15.55 13.95 0.24
C ILE A 169 -15.34 15.34 -0.34
N THR A 170 -14.26 15.51 -1.10
CA THR A 170 -13.89 16.79 -1.70
C THR A 170 -14.15 16.73 -3.20
N SER A 171 -14.86 17.73 -3.72
CA SER A 171 -15.19 17.80 -5.13
C SER A 171 -14.66 19.10 -5.72
N GLY A 172 -14.10 19.02 -6.92
CA GLY A 172 -13.58 20.19 -7.60
C GLY A 172 -12.09 20.39 -7.39
N ASP A 173 -11.36 20.65 -8.47
CA ASP A 173 -9.93 20.87 -8.37
C ASP A 173 -9.62 22.24 -7.79
N HIS A 182 -13.35 18.72 -12.64
CA HIS A 182 -13.93 18.33 -11.36
C HIS A 182 -13.70 16.85 -11.08
N ASP A 183 -13.55 16.49 -9.81
CA ASP A 183 -13.25 15.13 -9.41
C ASP A 183 -13.52 14.99 -7.92
N TYR A 184 -13.66 13.74 -7.48
CA TYR A 184 -13.90 13.44 -6.08
C TYR A 184 -12.62 12.85 -5.50
N GLN A 185 -12.07 13.51 -4.49
CA GLN A 185 -10.84 13.07 -3.85
C GLN A 185 -11.07 12.82 -2.38
N ILE A 186 -10.55 11.69 -1.90
CA ILE A 186 -10.58 11.33 -0.49
C ILE A 186 -9.17 10.85 -0.12
N GLY A 187 -8.55 11.53 0.84
CA GLY A 187 -7.22 11.15 1.27
C GLY A 187 -6.20 11.13 0.17
N GLY A 188 -6.40 11.93 -0.88
CA GLY A 188 -5.51 11.94 -2.02
C GLY A 188 -5.92 11.04 -3.15
N TYR A 189 -6.78 10.05 -2.90
CA TYR A 189 -7.25 9.18 -3.96
C TYR A 189 -8.35 9.88 -4.75
N THR A 190 -8.24 9.84 -6.08
CA THR A 190 -9.05 10.65 -6.96
C THR A 190 -9.88 9.77 -7.89
N GLU A 191 -11.14 10.15 -8.08
CA GLU A 191 -12.01 9.54 -9.07
C GLU A 191 -12.60 10.63 -9.96
N LYS A 192 -12.67 10.36 -11.26
CA LYS A 192 -13.15 11.35 -12.20
C LYS A 192 -14.63 11.62 -12.00
N TRP A 193 -15.01 12.89 -12.08
CA TRP A 193 -16.41 13.26 -11.89
C TRP A 193 -17.24 12.81 -13.07
N GLU A 194 -18.37 12.18 -12.80
CA GLU A 194 -19.33 11.80 -13.82
C GLU A 194 -20.76 12.17 -13.52
N SER A 195 -21.12 12.39 -12.25
CA SER A 195 -22.48 12.73 -11.87
C SER A 195 -22.44 13.29 -10.45
N GLY A 196 -23.63 13.54 -9.90
CA GLY A 196 -23.73 13.98 -8.53
C GLY A 196 -23.53 12.83 -7.54
N VAL A 197 -23.48 13.19 -6.27
CA VAL A 197 -23.28 12.21 -5.21
C VAL A 197 -24.62 11.92 -4.54
N LYS A 198 -24.81 10.66 -4.16
CA LYS A 198 -26.03 10.24 -3.48
C LYS A 198 -25.93 10.53 -1.99
N ASP A 199 -27.09 10.59 -1.33
CA ASP A 199 -27.14 10.88 0.09
C ASP A 199 -26.59 9.74 0.93
N CYS A 200 -26.53 8.53 0.39
CA CYS A 200 -26.06 7.36 1.13
C CYS A 200 -24.90 6.73 0.39
N VAL A 201 -23.83 6.42 1.12
CA VAL A 201 -22.65 5.75 0.58
C VAL A 201 -22.35 4.55 1.48
N VAL A 202 -21.66 3.56 0.91
CA VAL A 202 -21.42 2.31 1.62
C VAL A 202 -19.92 2.05 1.68
N LEU A 203 -19.42 1.82 2.89
CA LEU A 203 -18.03 1.40 3.08
C LEU A 203 -18.01 -0.12 3.06
N HIS A 204 -17.39 -0.68 2.01
CA HIS A 204 -17.28 -2.11 1.81
C HIS A 204 -15.95 -2.63 2.32
N SER A 205 -15.96 -3.84 2.87
CA SER A 205 -14.76 -4.55 3.24
C SER A 205 -14.87 -6.01 2.80
N TYR A 206 -13.96 -6.87 3.28
CA TYR A 206 -14.05 -8.28 2.95
C TYR A 206 -15.34 -8.89 3.50
N PHE A 207 -15.70 -8.55 4.73
CA PHE A 207 -16.84 -9.15 5.40
C PHE A 207 -17.87 -8.16 5.90
N THR A 208 -17.47 -6.94 6.24
CA THR A 208 -18.34 -5.97 6.88
C THR A 208 -18.68 -4.84 5.93
N SER A 209 -19.90 -4.32 6.06
CA SER A 209 -20.35 -3.19 5.26
C SER A 209 -20.98 -2.16 6.19
N ASP A 210 -20.67 -0.89 5.95
CA ASP A 210 -21.18 0.20 6.76
C ASP A 210 -21.87 1.23 5.88
N TYR A 211 -22.81 1.97 6.46
CA TYR A 211 -23.56 2.98 5.74
C TYR A 211 -23.26 4.37 6.30
N TYR A 212 -23.11 5.33 5.40
CA TYR A 212 -22.88 6.72 5.78
C TYR A 212 -23.87 7.61 5.05
N GLN A 213 -24.48 8.54 5.79
CA GLN A 213 -25.49 9.43 5.26
C GLN A 213 -24.97 10.87 5.25
N LEU A 214 -25.30 11.60 4.21
CA LEU A 214 -24.90 12.99 4.11
C LEU A 214 -25.56 13.82 5.20
N TYR A 215 -24.78 14.66 5.85
CA TYR A 215 -25.28 15.52 6.92
C TYR A 215 -25.15 17.00 6.59
N SER A 216 -23.99 17.44 6.12
CA SER A 216 -23.78 18.84 5.78
C SER A 216 -22.97 18.94 4.51
N THR A 217 -23.20 20.02 3.77
CA THR A 217 -22.46 20.33 2.55
C THR A 217 -21.87 21.72 2.69
N GLN A 218 -20.55 21.83 2.49
CA GLN A 218 -19.85 23.10 2.64
C GLN A 218 -19.47 23.62 1.27
N LEU A 219 -19.85 24.86 0.99
CA LEU A 219 -19.58 25.50 -0.29
C LEU A 219 -18.35 26.39 -0.17
N SER A 220 -18.02 27.07 -1.28
CA SER A 220 -16.88 27.96 -1.29
C SER A 220 -17.09 29.14 -0.34
N THR A 221 -18.29 29.70 -0.30
CA THR A 221 -18.55 30.86 0.54
C THR A 221 -18.37 30.54 2.02
N ASP A 222 -18.84 29.37 2.46
CA ASP A 222 -18.73 29.02 3.86
C ASP A 222 -17.31 28.62 4.24
N THR A 223 -16.48 28.25 3.25
CA THR A 223 -15.14 27.80 3.52
C THR A 223 -14.05 28.75 3.04
N GLY A 224 -14.32 29.56 2.01
CA GLY A 224 -13.33 30.44 1.46
C GLY A 224 -12.45 29.84 0.38
N VAL A 225 -12.63 28.55 0.07
CA VAL A 225 -11.83 27.87 -0.94
C VAL A 225 -12.64 27.84 -2.24
N GLU A 226 -12.10 28.47 -3.27
CA GLU A 226 -12.83 28.60 -4.54
C GLU A 226 -12.86 27.28 -5.29
N HIS A 227 -13.98 27.03 -5.96
CA HIS A 227 -14.17 25.89 -6.85
C HIS A 227 -14.00 24.55 -6.14
N VAL A 228 -14.18 24.52 -4.82
CA VAL A 228 -14.06 23.31 -4.03
C VAL A 228 -15.29 23.17 -3.15
N THR A 229 -15.91 21.99 -3.16
CA THR A 229 -17.07 21.70 -2.33
C THR A 229 -16.78 20.51 -1.45
N PHE A 230 -17.32 20.52 -0.24
CA PHE A 230 -17.09 19.46 0.74
C PHE A 230 -18.42 18.81 1.12
N PHE A 231 -18.39 17.49 1.22
CA PHE A 231 -19.53 16.71 1.66
C PHE A 231 -19.14 15.92 2.89
N ILE A 232 -19.99 15.93 3.91
CA ILE A 232 -19.72 15.27 5.17
C ILE A 232 -20.75 14.17 5.36
N TYR A 233 -20.27 12.96 5.63
CA TYR A 233 -21.13 11.81 5.84
C TYR A 233 -20.87 11.24 7.21
N ASN A 234 -21.96 10.86 7.89
CA ASN A 234 -21.89 10.31 9.23
C ASN A 234 -22.42 8.89 9.22
N LYS A 235 -21.86 8.06 10.09
CA LYS A 235 -22.24 6.66 10.19
C LYS A 235 -23.66 6.53 10.75
N ILE A 236 -24.33 5.45 10.36
CA ILE A 236 -25.69 5.16 10.78
C ILE A 236 -25.65 4.04 11.81
N VAL A 237 -26.29 4.26 12.94
CA VAL A 237 -26.44 3.24 13.99
C VAL A 237 -27.89 2.79 14.00
N ASP A 238 -28.10 1.48 13.88
CA ASP A 238 -29.46 0.93 13.87
C ASP A 238 -29.46 -0.52 14.33
N SER B 40 34.16 -25.69 -2.95
CA SER B 40 32.95 -26.01 -3.69
C SER B 40 31.71 -25.52 -2.95
N LEU B 41 30.70 -25.12 -3.70
CA LEU B 41 29.46 -24.61 -3.12
C LEU B 41 28.36 -25.64 -3.29
N PRO B 42 27.88 -26.26 -2.22
CA PRO B 42 26.79 -27.25 -2.36
C PRO B 42 25.50 -26.58 -2.83
N PHE B 43 24.71 -27.34 -3.59
CA PHE B 43 23.47 -26.80 -4.14
C PHE B 43 22.36 -26.69 -3.10
N GLY B 44 22.47 -27.45 -2.01
CA GLY B 44 21.41 -27.47 -1.01
C GLY B 44 21.18 -26.15 -0.33
N TRP B 45 22.22 -25.32 -0.22
CA TRP B 45 22.05 -23.99 0.35
C TRP B 45 21.11 -23.14 -0.51
N LEU B 46 21.24 -23.26 -1.83
CA LEU B 46 20.30 -22.54 -2.70
C LEU B 46 18.87 -23.00 -2.48
N ILE B 47 18.67 -24.31 -2.33
CA ILE B 47 17.32 -24.84 -2.14
C ILE B 47 16.74 -24.35 -0.83
N VAL B 48 17.51 -24.42 0.25
CA VAL B 48 16.99 -23.98 1.55
C VAL B 48 16.75 -22.48 1.53
N GLY B 49 17.61 -21.72 0.84
CA GLY B 49 17.40 -20.28 0.75
C GLY B 49 16.13 -19.93 0.00
N VAL B 50 15.88 -20.60 -1.12
CA VAL B 50 14.68 -20.31 -1.88
C VAL B 50 13.44 -20.77 -1.11
N ALA B 51 13.55 -21.86 -0.35
CA ALA B 51 12.43 -22.28 0.49
C ALA B 51 12.11 -21.23 1.55
N LEU B 52 13.14 -20.70 2.20
CA LEU B 52 12.93 -19.66 3.20
C LEU B 52 12.35 -18.40 2.56
N LEU B 53 12.84 -18.05 1.36
CA LEU B 53 12.33 -16.89 0.65
C LEU B 53 10.85 -17.06 0.33
N ALA B 54 10.46 -18.25 -0.14
CA ALA B 54 9.05 -18.51 -0.41
C ALA B 54 8.23 -18.41 0.87
N VAL B 55 8.73 -18.97 1.97
CA VAL B 55 8.02 -18.89 3.23
C VAL B 55 7.76 -17.44 3.62
N PHE B 56 8.80 -16.62 3.58
CA PHE B 56 8.67 -15.24 4.04
C PHE B 56 7.82 -14.41 3.09
N GLN B 57 7.95 -14.63 1.79
CA GLN B 57 7.10 -13.91 0.83
C GLN B 57 5.63 -14.25 1.04
N SER B 58 5.33 -15.55 1.20
CA SER B 58 3.94 -15.95 1.39
C SER B 58 3.40 -15.42 2.72
N ALA B 59 4.22 -15.44 3.77
CA ALA B 59 3.78 -14.89 5.06
C ALA B 59 3.53 -13.39 4.95
N SER B 60 4.39 -12.67 4.25
CA SER B 60 4.23 -11.23 4.13
C SER B 60 3.02 -10.85 3.30
N LYS B 61 2.68 -11.66 2.29
CA LYS B 61 1.57 -11.31 1.41
C LYS B 61 0.20 -11.46 2.07
N ILE B 62 0.11 -12.02 3.27
CA ILE B 62 -1.18 -12.28 3.89
C ILE B 62 -1.27 -11.63 5.27
N ILE B 63 -0.60 -10.49 5.46
CA ILE B 63 -0.64 -9.77 6.72
C ILE B 63 -1.54 -8.56 6.55
N THR B 64 -2.54 -8.44 7.42
CA THR B 64 -3.46 -7.31 7.38
C THR B 64 -2.74 -6.05 7.87
N LEU B 65 -2.89 -4.97 7.12
CA LEU B 65 -2.30 -3.68 7.49
C LEU B 65 -3.36 -2.79 8.12
N LYS B 66 -3.69 -3.11 9.36
CA LYS B 66 -4.70 -2.36 10.11
C LYS B 66 -4.11 -1.66 11.33
N LYS B 67 -3.42 -2.37 12.20
CA LYS B 67 -2.82 -1.79 13.38
C LYS B 67 -1.34 -1.48 13.13
N ARG B 68 -0.79 -0.60 13.97
CA ARG B 68 0.58 -0.14 13.75
C ARG B 68 1.57 -1.29 13.87
N TRP B 69 1.41 -2.13 14.89
CA TRP B 69 2.33 -3.25 15.05
C TRP B 69 2.25 -4.22 13.89
N GLN B 70 1.06 -4.37 13.29
CA GLN B 70 0.95 -5.16 12.07
C GLN B 70 1.74 -4.53 10.94
N LEU B 71 1.71 -3.20 10.84
CA LEU B 71 2.43 -2.51 9.78
C LEU B 71 3.92 -2.75 9.88
N ALA B 72 4.49 -2.57 11.07
CA ALA B 72 5.93 -2.72 11.23
C ALA B 72 6.36 -4.15 10.94
N LEU B 73 5.73 -5.12 11.61
CA LEU B 73 6.16 -6.52 11.49
C LEU B 73 6.18 -6.95 10.04
N SER B 74 5.06 -6.75 9.33
CA SER B 74 5.00 -7.07 7.91
C SER B 74 6.16 -6.41 7.17
N LYS B 75 6.35 -5.11 7.40
CA LYS B 75 7.46 -4.41 6.76
C LYS B 75 8.77 -5.11 7.06
N GLY B 76 9.01 -5.42 8.34
CA GLY B 76 10.24 -6.11 8.69
C GLY B 76 10.39 -7.41 7.93
N VAL B 77 9.30 -8.17 7.82
CA VAL B 77 9.34 -9.42 7.09
C VAL B 77 9.84 -9.18 5.67
N HIS B 78 9.26 -8.17 5.00
CA HIS B 78 9.71 -7.85 3.65
C HIS B 78 11.22 -7.61 3.64
N PHE B 79 11.71 -6.82 4.59
CA PHE B 79 13.14 -6.57 4.68
C PHE B 79 13.91 -7.87 4.72
N VAL B 80 13.51 -8.77 5.63
CA VAL B 80 14.19 -10.05 5.72
C VAL B 80 14.08 -10.79 4.38
N CYS B 81 12.87 -10.81 3.81
CA CYS B 81 12.70 -11.46 2.52
C CYS B 81 13.64 -10.87 1.49
N ASN B 82 13.76 -9.54 1.47
CA ASN B 82 14.67 -8.89 0.54
C ASN B 82 16.07 -9.46 0.68
N LEU B 83 16.55 -9.57 1.93
CA LEU B 83 17.87 -10.15 2.15
C LEU B 83 17.96 -11.53 1.53
N LEU B 84 16.96 -12.38 1.81
CA LEU B 84 16.96 -13.72 1.24
C LEU B 84 17.05 -13.66 -0.27
N LEU B 85 16.32 -12.73 -0.88
CA LEU B 85 16.38 -12.57 -2.32
C LEU B 85 17.82 -12.39 -2.78
N LEU B 86 18.53 -11.45 -2.15
CA LEU B 86 19.94 -11.27 -2.47
C LEU B 86 20.68 -12.58 -2.39
N PHE B 87 20.49 -13.32 -1.28
CA PHE B 87 21.06 -14.64 -1.15
C PHE B 87 20.75 -15.48 -2.38
N VAL B 88 19.46 -15.72 -2.63
CA VAL B 88 19.08 -16.62 -3.72
C VAL B 88 19.48 -16.07 -5.07
N THR B 89 19.89 -14.81 -5.13
CA THR B 89 20.55 -14.32 -6.33
C THR B 89 22.05 -14.58 -6.26
N VAL B 90 22.69 -14.02 -5.22
CA VAL B 90 24.15 -13.98 -5.20
C VAL B 90 24.73 -15.38 -5.20
N TYR B 91 24.24 -16.24 -4.29
CA TYR B 91 24.69 -17.62 -4.28
C TYR B 91 24.50 -18.27 -5.64
N SER B 92 23.33 -18.06 -6.25
CA SER B 92 23.09 -18.63 -7.57
C SER B 92 24.14 -18.13 -8.56
N HIS B 93 24.45 -16.84 -8.51
CA HIS B 93 25.51 -16.31 -9.38
C HIS B 93 26.82 -17.03 -9.12
N LEU B 94 27.15 -17.23 -7.83
CA LEU B 94 28.37 -17.94 -7.50
C LEU B 94 28.35 -19.34 -8.09
N LEU B 95 27.17 -19.97 -8.11
CA LEU B 95 27.07 -21.30 -8.72
C LEU B 95 27.47 -21.25 -10.18
N LEU B 96 27.00 -20.24 -10.91
CA LEU B 96 27.44 -20.09 -12.29
C LEU B 96 28.93 -19.85 -12.38
N VAL B 97 29.51 -19.18 -11.38
CA VAL B 97 30.96 -19.07 -11.29
C VAL B 97 31.62 -20.44 -11.22
N ALA B 98 31.06 -21.35 -10.42
CA ALA B 98 31.53 -22.73 -10.47
C ALA B 98 31.23 -23.37 -11.82
N ALA B 99 30.08 -23.03 -12.40
CA ALA B 99 29.69 -23.62 -13.69
C ALA B 99 30.50 -23.03 -14.83
N GLY B 100 30.74 -21.73 -14.82
CA GLY B 100 31.41 -21.08 -15.93
C GLY B 100 30.49 -20.70 -17.06
N LEU B 101 29.19 -20.60 -16.82
CA LEU B 101 28.23 -20.27 -17.86
C LEU B 101 27.59 -18.91 -17.58
N GLU B 102 28.40 -17.94 -17.17
CA GLU B 102 27.89 -16.62 -16.84
C GLU B 102 27.54 -15.79 -18.06
N ALA B 103 27.97 -16.21 -19.26
CA ALA B 103 27.75 -15.41 -20.45
C ALA B 103 26.28 -15.12 -20.73
N PRO B 104 25.36 -16.08 -20.67
CA PRO B 104 23.95 -15.75 -20.93
C PRO B 104 23.21 -15.19 -19.73
N PHE B 105 23.87 -15.02 -18.58
CA PHE B 105 23.22 -14.49 -17.39
C PHE B 105 23.94 -13.31 -16.76
N LEU B 106 25.08 -12.88 -17.28
CA LEU B 106 25.78 -11.75 -16.69
C LEU B 106 24.93 -10.48 -16.80
N TYR B 107 24.29 -10.26 -17.95
CA TYR B 107 23.44 -9.09 -18.10
C TYR B 107 22.25 -9.16 -17.15
N LEU B 108 21.66 -10.34 -17.00
CA LEU B 108 20.51 -10.49 -16.11
C LEU B 108 20.90 -10.20 -14.67
N TYR B 109 22.04 -10.73 -14.23
CA TYR B 109 22.48 -10.48 -12.86
C TYR B 109 22.88 -9.02 -12.65
N ALA B 110 23.46 -8.39 -13.68
CA ALA B 110 23.75 -6.96 -13.59
C ALA B 110 22.47 -6.16 -13.44
N LEU B 111 21.42 -6.53 -14.17
CA LEU B 111 20.14 -5.86 -14.04
C LEU B 111 19.55 -6.07 -12.64
N VAL B 112 19.69 -7.29 -12.10
CA VAL B 112 19.19 -7.56 -10.76
C VAL B 112 19.90 -6.69 -9.75
N TYR B 113 21.24 -6.61 -9.86
CA TYR B 113 22.01 -5.80 -8.92
C TYR B 113 21.68 -4.32 -9.07
N PHE B 114 21.45 -3.86 -10.30
CA PHE B 114 21.08 -2.47 -10.52
C PHE B 114 19.73 -2.15 -9.87
N LEU B 115 18.76 -3.05 -10.04
CA LEU B 115 17.47 -2.83 -9.41
C LEU B 115 17.56 -2.88 -7.89
N GLN B 116 18.40 -3.78 -7.36
CA GLN B 116 18.58 -3.83 -5.92
C GLN B 116 19.25 -2.56 -5.39
N SER B 117 20.19 -2.00 -6.16
CA SER B 117 20.79 -0.73 -5.78
C SER B 117 19.75 0.38 -5.80
N ILE B 118 18.85 0.36 -6.79
CA ILE B 118 17.77 1.34 -6.82
C ILE B 118 16.88 1.19 -5.59
N ASN B 119 16.59 -0.05 -5.21
CA ASN B 119 15.79 -0.28 -4.01
C ASN B 119 16.50 0.23 -2.76
N PHE B 120 17.81 0.01 -2.68
CA PHE B 120 18.57 0.52 -1.55
C PHE B 120 18.54 2.04 -1.49
N VAL B 121 18.67 2.69 -2.65
CA VAL B 121 18.56 4.15 -2.70
C VAL B 121 17.18 4.60 -2.29
N ARG B 122 16.15 3.84 -2.66
CA ARG B 122 14.80 4.16 -2.23
C ARG B 122 14.66 4.07 -0.72
N ILE B 123 15.26 3.04 -0.12
CA ILE B 123 15.24 2.92 1.34
C ILE B 123 15.96 4.09 1.99
N ILE B 124 17.08 4.51 1.40
CA ILE B 124 17.80 5.67 1.92
C ILE B 124 16.93 6.91 1.84
N MET B 125 16.20 7.07 0.74
CA MET B 125 15.30 8.21 0.60
C MET B 125 14.19 8.14 1.64
N ARG B 126 13.68 6.94 1.93
CA ARG B 126 12.67 6.79 2.96
C ARG B 126 13.22 7.24 4.32
N LEU B 127 14.45 6.82 4.63
CA LEU B 127 15.06 7.24 5.90
C LEU B 127 15.27 8.75 5.93
N TRP B 128 15.67 9.34 4.80
CA TRP B 128 15.82 10.78 4.73
C TRP B 128 14.49 11.48 4.99
N LEU B 129 13.41 10.95 4.43
CA LEU B 129 12.08 11.50 4.69
C LEU B 129 11.70 11.36 6.16
N CYS B 130 12.04 10.23 6.77
CA CYS B 130 11.80 10.04 8.19
C CYS B 130 12.52 11.09 9.01
N TRP B 131 13.79 11.34 8.69
CA TRP B 131 14.54 12.37 9.39
C TRP B 131 13.94 13.75 9.15
N LYS B 132 13.43 13.99 7.94
CA LYS B 132 12.84 15.29 7.62
C LYS B 132 11.60 15.55 8.45
N CYS B 133 10.66 14.61 8.47
CA CYS B 133 9.43 14.81 9.24
C CYS B 133 9.59 14.42 10.70
N ARG B 134 10.70 13.76 11.06
CA ARG B 134 10.98 13.33 12.44
C ARG B 134 9.87 12.43 12.96
N SER B 135 9.69 11.30 12.27
CA SER B 135 8.73 10.28 12.68
C SER B 135 9.10 8.98 11.97
N LYS B 136 8.64 7.87 12.56
CA LYS B 136 8.85 6.54 11.99
C LYS B 136 7.69 6.08 11.12
N ASN B 137 6.65 6.89 10.97
CA ASN B 137 5.53 6.50 10.14
C ASN B 137 5.90 6.26 8.68
N PRO B 138 6.70 7.10 8.00
CA PRO B 138 7.00 6.82 6.59
C PRO B 138 7.68 5.49 6.35
N LEU B 139 8.40 4.95 7.34
CA LEU B 139 8.92 3.60 7.20
C LEU B 139 7.79 2.58 7.13
N LEU B 140 6.76 2.76 7.96
CA LEU B 140 5.69 1.79 8.04
C LEU B 140 4.75 1.84 6.85
N TYR B 141 4.40 3.04 6.38
CA TYR B 141 3.43 3.21 5.32
C TYR B 141 4.14 3.38 3.97
N ASP B 142 3.41 3.09 2.90
CA ASP B 142 3.93 3.20 1.54
C ASP B 142 3.32 4.37 0.78
N ALA B 143 2.75 5.33 1.49
CA ALA B 143 2.11 6.46 0.83
C ALA B 143 3.13 7.33 0.12
N ASN B 144 2.71 7.92 -0.99
CA ASN B 144 3.61 8.78 -1.76
C ASN B 144 3.96 10.05 -1.00
N TYR B 145 2.99 10.63 -0.31
CA TYR B 145 3.20 11.89 0.38
C TYR B 145 2.83 11.75 1.85
N PHE B 146 3.32 12.68 2.67
CA PHE B 146 3.05 12.66 4.09
C PHE B 146 2.73 14.06 4.58
N LEU B 147 1.57 14.23 5.18
CA LEU B 147 1.21 15.50 5.82
C LEU B 147 1.88 15.55 7.19
N CYS B 148 2.72 16.55 7.40
CA CYS B 148 3.58 16.63 8.56
C CYS B 148 3.44 18.00 9.20
N TRP B 149 3.44 18.03 10.52
CA TRP B 149 3.54 19.30 11.23
C TRP B 149 4.04 19.07 12.64
N HIS B 150 4.94 19.95 13.09
CA HIS B 150 5.66 19.78 14.35
C HIS B 150 5.01 20.63 15.43
N THR B 151 4.96 20.09 16.64
CA THR B 151 4.48 20.80 17.81
C THR B 151 5.57 20.79 18.88
N ASN B 152 5.24 21.36 20.05
CA ASN B 152 6.21 21.41 21.14
C ASN B 152 6.57 20.02 21.64
N CYS B 153 5.60 19.12 21.73
CA CYS B 153 5.81 17.80 22.31
C CYS B 153 5.78 16.67 21.31
N TYR B 154 5.18 16.86 20.13
CA TYR B 154 5.05 15.77 19.17
C TYR B 154 5.07 16.35 17.75
N ASP B 155 5.41 15.48 16.80
CA ASP B 155 5.40 15.83 15.39
C ASP B 155 4.47 14.87 14.67
N TYR B 156 3.33 15.39 14.22
CA TYR B 156 2.32 14.57 13.57
C TYR B 156 2.72 14.30 12.13
N CYS B 157 2.65 13.03 11.72
CA CYS B 157 2.89 12.60 10.36
C CYS B 157 1.76 11.67 9.94
N ILE B 158 1.14 11.95 8.81
CA ILE B 158 -0.03 11.19 8.34
C ILE B 158 0.16 10.85 6.87
N PRO B 159 -0.11 9.61 6.45
CA PRO B 159 0.03 9.27 5.04
C PRO B 159 -0.98 10.01 4.18
N TYR B 160 -0.62 10.20 2.91
CA TYR B 160 -1.50 10.86 1.97
C TYR B 160 -1.08 10.45 0.56
N ASN B 161 -2.05 10.23 -0.31
CA ASN B 161 -1.79 9.59 -1.59
C ASN B 161 -1.18 10.56 -2.61
N SER B 162 -1.86 11.65 -2.90
CA SER B 162 -1.43 12.57 -3.94
C SER B 162 -1.71 14.01 -3.52
N VAL B 163 -0.99 14.94 -4.15
CA VAL B 163 -1.16 16.35 -3.84
C VAL B 163 -2.53 16.81 -4.29
N THR B 164 -3.24 17.49 -3.40
CA THR B 164 -4.56 18.03 -3.69
C THR B 164 -4.59 19.51 -3.36
N SER B 165 -5.53 20.23 -3.98
CA SER B 165 -5.67 21.65 -3.71
C SER B 165 -6.05 21.90 -2.25
N SER B 166 -6.92 21.07 -1.70
CA SER B 166 -7.40 21.22 -0.33
C SER B 166 -7.17 19.93 0.45
N ILE B 167 -6.99 20.08 1.76
CA ILE B 167 -6.79 18.95 2.67
C ILE B 167 -7.75 19.10 3.83
N VAL B 168 -8.42 18.03 4.21
CA VAL B 168 -9.38 18.03 5.31
C VAL B 168 -8.83 17.16 6.43
N ILE B 169 -8.80 17.70 7.64
CA ILE B 169 -8.36 16.99 8.82
C ILE B 169 -9.54 16.86 9.77
N THR B 170 -9.80 15.64 10.23
CA THR B 170 -10.91 15.34 11.11
C THR B 170 -10.38 15.04 12.50
N SER B 171 -10.95 15.69 13.50
CA SER B 171 -10.55 15.52 14.89
C SER B 171 -11.74 15.07 15.72
N GLY B 172 -11.49 14.13 16.63
CA GLY B 172 -12.54 13.63 17.51
C GLY B 172 -13.21 12.39 16.98
N ASP B 173 -13.38 11.38 17.84
CA ASP B 173 -14.03 10.14 17.45
C ASP B 173 -15.54 10.32 17.32
N HIS B 182 -9.91 11.40 21.45
CA HIS B 182 -9.72 12.30 20.33
C HIS B 182 -8.51 11.90 19.51
N ASP B 183 -8.56 12.15 18.20
CA ASP B 183 -7.52 11.74 17.28
C ASP B 183 -7.70 12.49 15.97
N TYR B 184 -6.63 12.54 15.18
CA TYR B 184 -6.66 13.18 13.87
C TYR B 184 -6.65 12.10 12.80
N GLN B 185 -7.69 12.08 11.97
CA GLN B 185 -7.81 11.08 10.93
C GLN B 185 -7.91 11.76 9.57
N ILE B 186 -7.16 11.23 8.61
CA ILE B 186 -7.20 11.68 7.23
C ILE B 186 -7.26 10.43 6.35
N GLY B 187 -8.32 10.32 5.56
CA GLY B 187 -8.48 9.18 4.68
C GLY B 187 -8.47 7.85 5.40
N GLY B 188 -8.86 7.82 6.66
CA GLY B 188 -8.82 6.61 7.45
C GLY B 188 -7.56 6.42 8.26
N TYR B 189 -6.48 7.11 7.92
CA TYR B 189 -5.25 7.02 8.70
C TYR B 189 -5.36 7.88 9.95
N THR B 190 -5.01 7.30 11.10
CA THR B 190 -5.27 7.90 12.39
C THR B 190 -3.97 8.17 13.14
N GLU B 191 -3.91 9.33 13.79
CA GLU B 191 -2.83 9.67 14.71
C GLU B 191 -3.43 10.11 16.03
N LYS B 192 -2.80 9.67 17.12
CA LYS B 192 -3.32 9.96 18.44
C LYS B 192 -3.19 11.45 18.75
N TRP B 193 -4.22 12.02 19.37
CA TRP B 193 -4.21 13.43 19.71
C TRP B 193 -3.24 13.69 20.84
N GLU B 194 -2.40 14.72 20.67
CA GLU B 194 -1.49 15.16 21.72
C GLU B 194 -1.50 16.66 21.95
N SER B 195 -1.95 17.46 20.99
CA SER B 195 -1.96 18.92 21.13
C SER B 195 -2.86 19.48 20.05
N GLY B 196 -2.89 20.81 19.95
CA GLY B 196 -3.63 21.46 18.91
C GLY B 196 -2.91 21.40 17.58
N VAL B 197 -3.59 21.87 16.54
CA VAL B 197 -3.04 21.87 15.19
C VAL B 197 -2.56 23.28 14.85
N LYS B 198 -1.45 23.35 14.11
CA LYS B 198 -0.90 24.63 13.69
C LYS B 198 -1.59 25.11 12.42
N ASP B 199 -1.48 26.41 12.17
CA ASP B 199 -2.12 27.01 11.00
C ASP B 199 -1.46 26.58 9.70
N CYS B 200 -0.22 26.11 9.75
CA CYS B 200 0.52 25.72 8.56
C CYS B 200 0.95 24.26 8.69
N VAL B 201 0.73 23.48 7.63
CA VAL B 201 1.16 22.09 7.57
C VAL B 201 1.92 21.89 6.27
N VAL B 202 2.78 20.88 6.25
CA VAL B 202 3.67 20.67 5.11
C VAL B 202 3.46 19.26 4.56
N LEU B 203 3.19 19.18 3.27
CA LEU B 203 3.14 17.90 2.57
C LEU B 203 4.53 17.58 2.06
N HIS B 204 5.14 16.53 2.63
CA HIS B 204 6.48 16.10 2.28
C HIS B 204 6.43 14.95 1.29
N SER B 205 7.40 14.93 0.38
CA SER B 205 7.60 13.82 -0.53
C SER B 205 9.09 13.49 -0.61
N TYR B 206 9.49 12.67 -1.59
CA TYR B 206 10.90 12.37 -1.75
C TYR B 206 11.68 13.62 -2.10
N PHE B 207 11.16 14.45 -3.00
CA PHE B 207 11.86 15.62 -3.50
C PHE B 207 11.11 16.92 -3.33
N THR B 208 9.77 16.90 -3.32
CA THR B 208 8.97 18.11 -3.33
C THR B 208 8.28 18.30 -1.98
N SER B 209 8.13 19.56 -1.59
CA SER B 209 7.43 19.92 -0.37
C SER B 209 6.43 21.01 -0.67
N ASP B 210 5.23 20.88 -0.10
CA ASP B 210 4.15 21.83 -0.31
C ASP B 210 3.65 22.37 1.03
N TYR B 211 3.08 23.56 1.02
CA TYR B 211 2.58 24.20 2.22
C TYR B 211 1.07 24.38 2.12
N TYR B 212 0.38 24.11 3.22
CA TYR B 212 -1.07 24.29 3.31
C TYR B 212 -1.40 25.12 4.53
N GLN B 213 -2.28 26.10 4.36
CA GLN B 213 -2.67 27.02 5.42
C GLN B 213 -4.13 26.81 5.77
N LEU B 214 -4.42 26.89 7.07
CA LEU B 214 -5.79 26.75 7.54
C LEU B 214 -6.65 27.90 7.02
N TYR B 215 -7.83 27.56 6.51
CA TYR B 215 -8.76 28.55 5.99
C TYR B 215 -10.06 28.60 6.77
N SER B 216 -10.68 27.45 7.04
CA SER B 216 -11.93 27.41 7.76
C SER B 216 -11.92 26.24 8.73
N THR B 217 -12.66 26.39 9.82
CA THR B 217 -12.82 25.35 10.82
C THR B 217 -14.31 25.11 11.02
N GLN B 218 -14.73 23.86 10.88
CA GLN B 218 -16.14 23.51 11.00
C GLN B 218 -16.37 22.78 12.32
N LEU B 219 -17.33 23.26 13.11
CA LEU B 219 -17.64 22.69 14.40
C LEU B 219 -18.85 21.77 14.29
N SER B 220 -19.26 21.22 15.43
CA SER B 220 -20.43 20.33 15.43
C SER B 220 -21.69 21.08 15.04
N THR B 221 -21.86 22.30 15.53
CA THR B 221 -23.08 23.05 15.25
C THR B 221 -23.24 23.34 13.76
N ASP B 222 -22.15 23.70 13.10
CA ASP B 222 -22.24 24.03 11.67
C ASP B 222 -22.38 22.78 10.81
N THR B 223 -22.02 21.60 11.34
CA THR B 223 -22.08 20.37 10.59
C THR B 223 -23.14 19.39 11.06
N GLY B 224 -23.52 19.43 12.33
CA GLY B 224 -24.47 18.49 12.87
C GLY B 224 -23.88 17.20 13.39
N VAL B 225 -22.57 17.01 13.27
CA VAL B 225 -21.90 15.80 13.74
C VAL B 225 -21.29 16.08 15.10
N GLU B 226 -21.74 15.36 16.11
CA GLU B 226 -21.31 15.59 17.48
C GLU B 226 -19.88 15.12 17.70
N HIS B 227 -19.15 15.87 18.53
CA HIS B 227 -17.80 15.52 18.97
C HIS B 227 -16.82 15.36 17.82
N VAL B 228 -17.09 15.98 16.68
CA VAL B 228 -16.22 15.91 15.51
C VAL B 228 -15.98 17.33 15.01
N THR B 229 -14.72 17.66 14.77
CA THR B 229 -14.34 18.96 14.25
C THR B 229 -13.56 18.77 12.95
N PHE B 230 -13.74 19.70 12.02
CA PHE B 230 -13.10 19.63 10.72
C PHE B 230 -12.22 20.85 10.51
N PHE B 231 -11.04 20.62 9.93
CA PHE B 231 -10.11 21.67 9.58
C PHE B 231 -9.82 21.59 8.09
N ILE B 232 -9.86 22.73 7.42
CA ILE B 232 -9.68 22.79 5.97
C ILE B 232 -8.42 23.59 5.70
N TYR B 233 -7.52 23.02 4.90
CA TYR B 233 -6.27 23.66 4.56
C TYR B 233 -6.18 23.80 3.04
N ASN B 234 -5.71 24.96 2.59
CA ASN B 234 -5.58 25.27 1.18
C ASN B 234 -4.12 25.48 0.84
N LYS B 235 -3.76 25.11 -0.38
CA LYS B 235 -2.39 25.23 -0.84
C LYS B 235 -2.01 26.70 -1.02
N ILE B 236 -0.71 26.98 -0.86
CA ILE B 236 -0.17 28.32 -0.98
C ILE B 236 0.57 28.42 -2.30
N VAL B 237 0.26 29.46 -3.08
CA VAL B 237 0.95 29.76 -4.31
C VAL B 237 1.79 31.01 -4.11
N ASP B 238 3.08 30.92 -4.40
CA ASP B 238 3.98 32.05 -4.20
C ASP B 238 5.19 31.94 -5.12
#